data_1IGR
#
_entry.id   1IGR
#
_cell.length_a   77.390
_cell.length_b   99.720
_cell.length_c   120.290
_cell.angle_alpha   90.00
_cell.angle_beta   90.00
_cell.angle_gamma   90.00
#
_symmetry.space_group_name_H-M   'P 21 21 21'
#
loop_
_entity.id
_entity.type
_entity.pdbx_description
1 polymer 'INSULIN-LIKE GROWTH FACTOR RECEPTOR 1'
2 branched 2-acetamido-2-deoxy-beta-D-glucopyranose-(1-4)-[alpha-L-fucopyranose-(1-6)]2-acetamido-2-deoxy-beta-D-glucopyranose
3 branched alpha-D-mannopyranose-(1-3)-beta-D-mannopyranose-(1-4)-2-acetamido-2-deoxy-beta-D-glucopyranose-(1-4)-[alpha-L-fucopyranose-(1-6)]2-acetamido-2-deoxy-beta-D-glucopyranose
4 non-polymer 2-acetamido-2-deoxy-beta-D-glucopyranose
5 non-polymer 'SULFATE ION'
6 water water
#
_entity_poly.entity_id   1
_entity_poly.type   'polypeptide(L)'
_entity_poly.pdbx_seq_one_letter_code
;EICGPGIDIRNDYQQLKRLENCTVIEGYLHILLISKAEDYRSYRFPKLTVITEYLLLFRVAGLESLGDLFPNLTVIRGWK
LFYNYALVIFEMTNLKDIGLYNLRNITRGAIRIEKNADLCYLSTVDWSLILDAVSNNYIVGNKPPKECGDLCPGTMEEKP
MCEKTTINNEYNYRCWTTNRCQKMCPSTCGKRACTENNECCHPECLGSCSAPDNDTACVACRHYYYAGVCVPACPPNTYR
FEGWRCVDRDFCANILSAESSDSEGFVIHDGECMQECPSGFIRNGSQSMYCIPCEGPCPKVCEEEKKTKTIDSVTSAQML
QGCTIFKGNLLINIRRGNNIASELENFMGLIEVVTGYVKIRHSHALVSLSFLKNLRLILGEEQLEGNYSFYVLDNQNLQQ
LWDWDHRNLTIKAGKMYFAFNPKLCVSEIYRMEEVTGTKGRQSKGDINTRNNGERASCESDVDDDDKEQKLISEEDLN
;
_entity_poly.pdbx_strand_id   A
#
# COMPACT_ATOMS: atom_id res chain seq x y z
N GLU A 1 25.70 9.18 3.84
CA GLU A 1 25.05 8.98 2.52
C GLU A 1 23.58 8.61 2.69
N ILE A 2 22.86 8.58 1.60
CA ILE A 2 21.53 8.09 1.58
C ILE A 2 21.45 6.59 1.67
N CYS A 3 20.74 5.98 2.61
CA CYS A 3 20.40 4.55 2.57
C CYS A 3 18.90 4.39 2.44
N GLY A 4 18.43 3.56 1.55
CA GLY A 4 17.01 3.26 1.38
C GLY A 4 16.87 1.95 0.65
N PRO A 5 15.71 1.36 0.55
CA PRO A 5 14.54 1.83 1.29
C PRO A 5 14.55 1.37 2.71
N GLY A 6 13.43 1.19 3.31
CA GLY A 6 13.33 1.06 4.79
C GLY A 6 14.35 0.05 5.26
N ILE A 7 15.09 0.35 6.26
CA ILE A 7 16.13 -0.47 6.81
C ILE A 7 15.30 -1.27 7.84
N ASP A 8 15.42 -2.57 7.94
CA ASP A 8 14.75 -3.37 8.92
C ASP A 8 15.76 -4.11 9.78
N ILE A 9 16.31 -3.67 10.83
CA ILE A 9 17.28 -4.12 11.75
C ILE A 9 16.56 -4.92 12.80
N ARG A 10 17.12 -5.99 13.29
CA ARG A 10 16.50 -6.91 14.22
C ARG A 10 17.24 -8.18 14.58
N ASN A 11 16.90 -8.75 15.77
CA ASN A 11 17.50 -9.99 16.26
C ASN A 11 18.95 -9.83 16.62
N ASP A 12 19.83 -9.20 15.81
CA ASP A 12 21.17 -9.01 16.36
C ASP A 12 21.56 -7.54 16.33
N TYR A 13 21.83 -7.05 17.54
CA TYR A 13 22.41 -5.72 17.72
C TYR A 13 23.47 -5.36 16.68
N GLN A 14 24.39 -6.30 16.36
CA GLN A 14 25.42 -6.10 15.37
C GLN A 14 24.96 -5.73 13.97
N GLN A 15 23.66 -5.88 13.75
CA GLN A 15 23.01 -5.47 12.52
C GLN A 15 22.88 -3.96 12.42
N LEU A 16 23.01 -3.30 13.57
CA LEU A 16 22.97 -1.87 13.68
C LEU A 16 24.17 -1.24 12.95
N LYS A 17 25.18 -2.07 12.61
CA LYS A 17 26.27 -1.63 11.79
C LYS A 17 25.93 -1.39 10.32
N ARG A 18 24.81 -1.89 9.85
CA ARG A 18 24.33 -1.55 8.53
C ARG A 18 24.09 -0.05 8.37
N LEU A 19 24.12 0.74 9.40
CA LEU A 19 23.66 2.08 9.47
C LEU A 19 24.87 2.99 9.59
N GLU A 20 26.05 2.43 9.59
CA GLU A 20 27.24 3.25 9.76
C GLU A 20 27.55 4.34 8.74
N ASN A 21 27.08 4.43 7.53
CA ASN A 21 27.36 5.47 6.61
C ASN A 21 26.20 6.38 6.31
N CYS A 22 24.96 5.94 6.56
CA CYS A 22 23.76 6.74 6.33
C CYS A 22 23.68 8.11 7.03
N THR A 23 23.56 9.14 6.20
CA THR A 23 23.29 10.45 6.79
C THR A 23 21.76 10.69 6.55
N VAL A 24 21.22 10.14 5.46
CA VAL A 24 19.82 10.16 5.21
C VAL A 24 19.26 8.77 4.93
N ILE A 25 18.27 8.30 5.71
CA ILE A 25 17.61 7.01 5.44
C ILE A 25 16.38 7.20 4.62
N GLU A 26 16.45 7.01 3.33
CA GLU A 26 15.32 7.30 2.45
C GLU A 26 14.36 6.13 2.55
N GLY A 27 13.49 6.26 3.58
CA GLY A 27 12.49 5.25 3.88
C GLY A 27 12.33 5.16 5.40
N TYR A 28 11.97 4.00 5.94
CA TYR A 28 11.78 3.99 7.39
C TYR A 28 12.89 3.29 8.11
N LEU A 29 12.95 3.29 9.40
CA LEU A 29 13.90 2.54 10.15
C LEU A 29 13.22 1.69 11.20
N HIS A 30 13.33 0.38 11.20
CA HIS A 30 12.76 -0.54 12.17
C HIS A 30 13.85 -1.13 13.05
N ILE A 31 13.78 -0.97 14.37
CA ILE A 31 14.76 -1.65 15.23
C ILE A 31 13.96 -2.55 16.17
N LEU A 32 13.72 -3.83 15.81
CA LEU A 32 12.98 -4.69 16.73
C LEU A 32 13.81 -5.86 17.29
N LEU A 33 13.31 -6.39 18.43
CA LEU A 33 13.59 -7.71 18.93
C LEU A 33 15.06 -7.93 19.19
N ILE A 34 15.75 -6.97 19.72
CA ILE A 34 17.19 -6.98 19.91
C ILE A 34 17.47 -6.87 21.39
N SER A 35 18.59 -7.48 21.81
CA SER A 35 18.96 -7.36 23.21
C SER A 35 20.41 -7.03 23.41
N LYS A 36 20.80 -5.80 23.66
CA LYS A 36 22.15 -5.38 23.85
C LYS A 36 22.66 -5.93 25.18
N ALA A 37 23.92 -6.39 25.13
CA ALA A 37 24.57 -6.96 26.30
C ALA A 37 25.20 -5.88 27.15
N GLU A 38 24.89 -5.92 28.44
CA GLU A 38 25.35 -4.93 29.39
C GLU A 38 26.88 -4.95 29.36
N ASP A 39 27.40 -6.14 29.16
CA ASP A 39 28.82 -6.39 29.00
C ASP A 39 29.35 -5.59 27.82
N TYR A 40 29.15 -6.09 26.62
CA TYR A 40 29.48 -5.41 25.37
C TYR A 40 29.09 -3.93 25.42
N ARG A 41 29.95 -3.08 24.88
CA ARG A 41 29.75 -1.64 24.88
C ARG A 41 28.66 -1.15 23.92
N SER A 42 28.85 0.00 23.26
CA SER A 42 27.84 0.45 22.34
C SER A 42 28.26 1.23 21.10
N TYR A 43 27.35 1.24 20.15
CA TYR A 43 27.45 1.95 18.91
C TYR A 43 27.07 3.42 19.03
N ARG A 44 27.18 4.11 17.90
CA ARG A 44 26.71 5.49 17.87
C ARG A 44 26.88 5.99 16.46
N PHE A 45 25.84 6.42 15.80
CA PHE A 45 25.80 6.90 14.47
C PHE A 45 25.48 8.39 14.45
N PRO A 46 26.43 9.27 14.68
CA PRO A 46 26.28 10.69 14.53
C PRO A 46 26.08 11.14 13.11
N LYS A 47 26.15 10.33 12.10
CA LYS A 47 26.01 10.79 10.74
C LYS A 47 24.51 10.91 10.42
N LEU A 48 23.69 10.05 11.04
CA LEU A 48 22.24 10.08 10.75
C LEU A 48 21.58 11.40 11.22
N THR A 49 21.12 12.22 10.27
CA THR A 49 20.44 13.41 10.63
C THR A 49 18.97 13.40 10.15
N VAL A 50 18.58 12.56 9.23
CA VAL A 50 17.21 12.58 8.71
C VAL A 50 16.71 11.18 8.32
N ILE A 51 15.45 10.86 8.50
CA ILE A 51 14.75 9.63 8.27
C ILE A 51 13.50 10.09 7.50
N THR A 52 13.28 9.68 6.26
CA THR A 52 12.23 10.28 5.49
C THR A 52 10.81 9.78 5.77
N GLU A 53 10.66 8.70 6.52
CA GLU A 53 9.35 8.21 6.96
C GLU A 53 9.28 8.14 8.49
N TYR A 54 9.34 6.88 9.02
CA TYR A 54 9.14 6.83 10.46
C TYR A 54 10.32 6.08 11.11
N LEU A 55 10.41 6.19 12.43
CA LEU A 55 11.35 5.56 13.24
C LEU A 55 10.54 4.69 14.22
N LEU A 56 10.76 3.39 14.34
CA LEU A 56 10.00 2.46 15.14
C LEU A 56 11.00 1.53 15.83
N LEU A 57 11.03 1.57 17.13
CA LEU A 57 11.79 0.77 18.05
C LEU A 57 10.81 -0.07 18.83
N PHE A 58 10.93 -1.39 18.68
CA PHE A 58 9.93 -2.23 19.35
C PHE A 58 10.59 -3.39 20.06
N ARG A 59 10.40 -3.52 21.40
CA ARG A 59 10.86 -4.67 22.13
C ARG A 59 12.38 -4.83 21.95
N VAL A 60 13.11 -3.88 22.46
CA VAL A 60 14.55 -3.90 22.45
C VAL A 60 15.00 -3.67 23.88
N ALA A 61 15.84 -4.50 24.47
CA ALA A 61 16.35 -4.25 25.79
C ALA A 61 17.82 -3.93 25.83
N GLY A 62 18.34 -3.34 26.90
CA GLY A 62 19.77 -3.11 27.02
C GLY A 62 20.10 -1.74 26.50
N LEU A 63 19.29 -1.18 25.64
CA LEU A 63 19.46 0.15 25.11
C LEU A 63 18.83 1.08 26.14
N GLU A 64 19.65 1.91 26.73
CA GLU A 64 19.24 2.83 27.77
C GLU A 64 19.02 4.27 27.35
N SER A 65 19.07 4.62 26.08
CA SER A 65 18.88 5.92 25.53
C SER A 65 19.03 5.95 24.02
N LEU A 66 18.11 6.60 23.29
CA LEU A 66 18.25 6.71 21.85
C LEU A 66 19.26 7.75 21.42
N GLY A 67 19.47 8.78 22.26
CA GLY A 67 20.53 9.70 21.82
C GLY A 67 21.89 9.01 21.84
N ASP A 68 22.05 7.93 22.60
CA ASP A 68 23.20 7.03 22.54
C ASP A 68 23.44 6.52 21.10
N LEU A 69 22.45 6.23 20.33
CA LEU A 69 22.58 5.71 19.02
C LEU A 69 22.55 6.88 18.05
N PHE A 70 21.49 7.69 18.06
CA PHE A 70 21.36 8.76 17.10
C PHE A 70 21.40 10.12 17.75
N PRO A 71 22.53 10.54 18.32
CA PRO A 71 22.71 11.81 18.92
C PRO A 71 22.48 12.96 18.00
N ASN A 72 22.27 12.85 16.73
CA ASN A 72 22.15 13.91 15.77
C ASN A 72 20.96 13.73 14.87
N LEU A 73 20.05 12.80 15.18
CA LEU A 73 18.86 12.65 14.34
C LEU A 73 18.13 13.99 14.42
N THR A 74 17.80 14.65 13.38
CA THR A 74 17.20 15.98 13.50
C THR A 74 15.82 16.11 12.90
N VAL A 75 15.53 15.39 11.81
CA VAL A 75 14.18 15.42 11.25
C VAL A 75 13.70 14.00 10.94
N ILE A 76 12.46 13.64 11.26
CA ILE A 76 11.77 12.45 10.83
C ILE A 76 10.61 12.98 9.97
N ARG A 77 10.61 12.95 8.69
CA ARG A 77 9.84 13.78 7.79
C ARG A 77 8.42 13.30 7.85
N GLY A 78 8.18 12.01 8.15
CA GLY A 78 6.97 11.33 8.16
C GLY A 78 6.26 11.34 6.85
N TRP A 79 6.98 11.18 5.74
CA TRP A 79 6.36 11.10 4.42
C TRP A 79 5.51 9.85 4.25
N LYS A 80 5.75 8.81 5.02
CA LYS A 80 4.88 7.65 5.13
C LYS A 80 4.92 7.27 6.61
N LEU A 81 3.73 6.93 7.16
CA LEU A 81 3.71 6.60 8.59
C LEU A 81 3.44 5.18 9.01
N PHE A 82 3.84 4.81 10.24
CA PHE A 82 3.42 3.54 10.80
C PHE A 82 2.08 3.83 11.51
N TYR A 83 0.97 3.70 10.79
CA TYR A 83 -0.35 4.01 11.27
C TYR A 83 -0.39 5.31 12.04
N ASN A 84 -0.41 6.45 11.42
CA ASN A 84 -0.49 7.78 11.96
C ASN A 84 0.81 8.15 12.69
N TYR A 85 1.68 7.20 13.02
CA TYR A 85 2.77 7.57 13.94
C TYR A 85 4.03 7.79 13.12
N ALA A 86 4.74 8.82 13.40
CA ALA A 86 6.06 9.11 12.84
C ALA A 86 7.14 8.56 13.73
N LEU A 87 6.80 8.26 15.00
CA LEU A 87 7.85 7.91 15.93
C LEU A 87 7.28 6.88 16.87
N VAL A 88 7.57 5.60 16.83
CA VAL A 88 6.90 4.64 17.72
C VAL A 88 7.95 4.03 18.63
N ILE A 89 7.85 4.02 19.91
CA ILE A 89 8.73 3.44 20.88
C ILE A 89 7.94 2.52 21.80
N PHE A 90 7.93 1.21 21.52
CA PHE A 90 7.15 0.25 22.26
C PHE A 90 7.90 -0.87 22.96
N GLU A 91 7.66 -1.13 24.24
CA GLU A 91 8.16 -2.18 25.04
C GLU A 91 9.66 -2.19 24.98
N MET A 92 10.20 -1.04 25.19
CA MET A 92 11.64 -0.78 25.09
C MET A 92 12.12 -0.96 26.50
N THR A 93 12.48 -2.18 26.85
CA THR A 93 13.06 -2.38 28.20
C THR A 93 14.41 -1.71 28.37
N ASN A 94 14.68 -1.20 29.55
CA ASN A 94 15.92 -0.59 29.96
C ASN A 94 15.95 0.88 29.61
N LEU A 95 15.13 1.33 28.67
CA LEU A 95 15.27 2.69 28.12
C LEU A 95 14.99 3.68 29.22
N LYS A 96 15.96 4.49 29.54
CA LYS A 96 15.76 5.39 30.68
C LYS A 96 15.41 6.77 30.17
N ASP A 97 15.47 7.04 28.87
CA ASP A 97 15.04 8.30 28.30
C ASP A 97 15.09 8.32 26.79
N ILE A 98 14.49 9.31 26.16
CA ILE A 98 14.45 9.22 24.69
C ILE A 98 15.82 9.60 24.24
N GLY A 99 16.34 10.71 24.71
CA GLY A 99 17.56 11.34 24.48
C GLY A 99 17.83 11.93 23.13
N LEU A 100 16.93 11.83 22.18
CA LEU A 100 16.96 12.46 20.90
C LEU A 100 17.09 13.95 21.05
N TYR A 101 18.22 14.41 21.60
CA TYR A 101 18.52 15.76 21.90
C TYR A 101 18.87 16.63 20.77
N ASN A 102 18.78 16.24 19.54
CA ASN A 102 18.76 17.22 18.41
C ASN A 102 17.52 17.07 17.61
N LEU A 103 16.48 16.30 18.10
CA LEU A 103 15.28 16.14 17.26
C LEU A 103 14.50 17.46 17.25
N ARG A 104 14.37 18.17 16.13
CA ARG A 104 13.71 19.43 16.14
C ARG A 104 12.47 19.48 15.28
N ASN A 105 12.17 18.45 14.54
CA ASN A 105 10.97 18.52 13.71
C ASN A 105 10.51 17.18 13.21
N ILE A 106 9.31 16.76 13.49
CA ILE A 106 8.63 15.64 12.93
C ILE A 106 7.68 16.24 11.94
N THR A 107 7.91 16.26 10.65
CA THR A 107 7.22 17.05 9.66
C THR A 107 5.83 16.51 9.52
N ARG A 108 5.58 15.28 9.96
CA ARG A 108 4.29 14.66 9.67
C ARG A 108 3.99 13.45 10.54
N GLY A 109 2.73 13.31 10.92
CA GLY A 109 2.31 12.23 11.80
C GLY A 109 2.71 12.46 13.24
N ALA A 110 2.31 11.59 14.14
CA ALA A 110 2.40 11.81 15.57
C ALA A 110 3.33 10.79 16.17
N ILE A 111 3.31 10.65 17.46
CA ILE A 111 4.19 9.75 18.15
C ILE A 111 3.48 8.83 19.16
N ARG A 112 4.07 7.65 19.36
CA ARG A 112 3.47 6.67 20.25
C ARG A 112 4.53 6.13 21.17
N ILE A 113 4.51 6.51 22.43
CA ILE A 113 5.48 6.12 23.42
C ILE A 113 4.81 5.31 24.50
N GLU A 114 4.72 4.01 24.29
CA GLU A 114 3.97 3.04 25.02
C GLU A 114 4.78 1.94 25.72
N LYS A 115 4.26 1.41 26.79
CA LYS A 115 4.77 0.60 27.83
C LYS A 115 6.29 0.64 27.93
N ASN A 116 6.88 1.70 28.39
CA ASN A 116 8.30 1.75 28.69
C ASN A 116 8.52 1.99 30.15
N ALA A 117 8.32 0.95 30.92
CA ALA A 117 8.40 0.99 32.37
C ALA A 117 9.39 1.92 33.00
N ASP A 118 10.59 2.02 32.46
CA ASP A 118 11.58 2.88 33.14
C ASP A 118 11.87 4.15 32.40
N LEU A 119 11.06 4.50 31.42
CA LEU A 119 11.35 5.69 30.61
C LEU A 119 11.09 6.93 31.41
N CYS A 120 12.02 7.86 31.41
CA CYS A 120 11.78 9.10 32.13
C CYS A 120 12.17 10.21 31.18
N TYR A 121 12.34 11.42 31.71
CA TYR A 121 12.73 12.52 30.81
C TYR A 121 11.70 12.50 29.72
N LEU A 122 10.45 12.24 30.09
CA LEU A 122 9.37 12.20 29.10
C LEU A 122 8.39 13.36 29.20
N SER A 123 8.01 13.62 30.47
CA SER A 123 7.16 14.79 30.74
C SER A 123 7.89 16.12 30.61
N THR A 124 9.23 16.05 30.53
CA THR A 124 10.06 17.22 30.45
C THR A 124 10.37 17.56 28.99
N VAL A 125 9.68 17.03 28.00
CA VAL A 125 9.89 17.40 26.61
C VAL A 125 8.67 18.13 26.07
N ASP A 126 8.86 19.16 25.24
CA ASP A 126 7.76 19.95 24.70
C ASP A 126 7.60 19.57 23.24
N TRP A 127 6.83 18.48 23.03
CA TRP A 127 6.58 17.96 21.70
C TRP A 127 5.93 18.92 20.72
N SER A 128 5.36 20.01 21.25
CA SER A 128 4.67 20.94 20.36
C SER A 128 5.70 21.81 19.63
N LEU A 129 6.89 21.91 20.20
CA LEU A 129 8.01 22.53 19.53
C LEU A 129 8.55 21.70 18.35
N ILE A 130 8.45 20.38 18.46
CA ILE A 130 8.85 19.38 17.51
C ILE A 130 7.72 18.97 16.58
N LEU A 131 6.51 18.87 17.13
CA LEU A 131 5.38 18.40 16.27
C LEU A 131 4.20 19.36 16.34
N ASP A 132 3.53 19.55 15.23
CA ASP A 132 2.34 20.34 15.22
C ASP A 132 1.20 19.67 15.97
N ALA A 133 0.67 18.59 15.46
CA ALA A 133 -0.43 17.76 15.86
C ALA A 133 -0.18 16.92 17.08
N VAL A 134 0.17 17.53 18.21
CA VAL A 134 0.44 16.85 19.43
C VAL A 134 -0.79 16.20 20.04
N SER A 135 -1.98 16.69 19.63
CA SER A 135 -3.20 16.11 20.13
C SER A 135 -3.37 14.64 19.82
N ASN A 136 -2.74 14.11 18.84
CA ASN A 136 -2.76 12.77 18.33
C ASN A 136 -1.69 11.88 18.93
N ASN A 137 -0.81 12.39 19.75
CA ASN A 137 0.19 11.58 20.35
C ASN A 137 -0.56 10.58 21.23
N TYR A 138 -0.02 9.40 21.46
CA TYR A 138 -0.53 8.33 22.23
C TYR A 138 0.44 7.85 23.26
N ILE A 139 0.34 8.21 24.50
CA ILE A 139 1.30 8.01 25.54
C ILE A 139 0.68 7.25 26.72
N VAL A 140 1.32 6.17 27.15
CA VAL A 140 0.80 5.36 28.23
C VAL A 140 1.76 4.25 28.53
N GLY A 141 1.95 3.99 29.80
CA GLY A 141 2.51 2.79 30.34
C GLY A 141 3.99 3.06 30.59
N ASN A 142 4.24 4.37 30.72
CA ASN A 142 5.69 4.72 30.89
C ASN A 142 5.95 4.90 32.36
N LYS A 143 7.13 5.31 32.77
CA LYS A 143 7.46 5.45 34.17
C LYS A 143 6.89 6.74 34.75
N PRO A 144 6.35 6.67 35.96
CA PRO A 144 5.63 7.78 36.59
C PRO A 144 6.52 8.89 37.05
N PRO A 145 6.25 10.11 36.57
CA PRO A 145 7.08 11.29 36.79
C PRO A 145 7.62 11.49 38.18
N LYS A 146 6.78 11.20 39.16
CA LYS A 146 7.08 11.23 40.59
C LYS A 146 8.10 10.17 40.97
N GLU A 147 8.03 8.95 40.43
CA GLU A 147 9.16 8.03 40.59
C GLU A 147 10.35 8.38 39.68
N CYS A 148 10.21 9.02 38.52
CA CYS A 148 11.36 9.45 37.75
C CYS A 148 12.21 10.46 38.47
N GLY A 149 11.60 11.54 38.98
CA GLY A 149 12.37 12.60 39.62
C GLY A 149 13.35 13.31 38.71
N ASP A 150 12.93 13.66 37.50
CA ASP A 150 13.81 14.21 36.51
C ASP A 150 14.32 15.56 36.91
N LEU A 151 15.56 15.89 36.60
CA LEU A 151 16.03 17.23 36.88
C LEU A 151 16.80 17.80 35.69
N CYS A 152 16.33 18.89 35.16
CA CYS A 152 16.92 19.43 33.96
C CYS A 152 18.28 19.96 34.32
N PRO A 153 19.15 20.13 33.32
CA PRO A 153 20.47 20.69 33.58
C PRO A 153 20.37 21.95 34.44
N GLY A 154 21.11 22.00 35.54
CA GLY A 154 21.15 23.13 36.43
C GLY A 154 20.27 23.06 37.66
N THR A 155 19.14 22.36 37.60
CA THR A 155 18.15 22.32 38.64
C THR A 155 18.71 21.97 39.99
N MET A 156 19.59 20.99 40.03
CA MET A 156 20.17 20.48 41.27
C MET A 156 21.22 21.42 41.87
N GLU A 157 22.12 22.02 41.10
CA GLU A 157 23.04 22.99 41.68
C GLU A 157 22.26 24.27 41.99
N GLU A 158 21.95 25.05 40.97
CA GLU A 158 21.21 26.26 41.17
C GLU A 158 21.44 27.29 40.06
N LYS A 159 21.42 26.76 38.85
CA LYS A 159 21.57 27.61 37.68
C LYS A 159 20.92 26.87 36.51
N PRO A 160 19.60 26.89 36.56
CA PRO A 160 18.85 26.24 35.49
C PRO A 160 19.43 26.75 34.18
N MET A 161 19.77 25.80 33.29
CA MET A 161 20.19 26.23 31.95
C MET A 161 19.10 26.08 30.90
N CYS A 162 18.08 25.23 31.19
CA CYS A 162 17.01 25.12 30.20
C CYS A 162 15.93 26.17 30.26
N GLU A 163 15.31 26.46 29.14
CA GLU A 163 14.12 27.26 28.97
C GLU A 163 12.87 26.56 29.55
N LYS A 164 11.76 27.30 29.72
CA LYS A 164 10.53 26.88 30.29
C LYS A 164 9.36 27.10 29.35
N THR A 165 8.50 26.06 29.27
CA THR A 165 7.25 26.26 28.50
C THR A 165 6.15 25.79 29.45
N THR A 166 4.90 25.99 29.02
CA THR A 166 3.84 25.38 29.85
C THR A 166 3.17 24.29 29.06
N ILE A 167 3.01 23.11 29.61
CA ILE A 167 2.38 21.97 28.93
C ILE A 167 1.33 21.50 29.95
N ASN A 168 0.10 21.35 29.50
CA ASN A 168 -1.00 20.93 30.37
C ASN A 168 -1.23 21.72 31.66
N ASN A 169 -1.16 23.04 31.59
CA ASN A 169 -1.12 23.89 32.77
C ASN A 169 -0.08 23.55 33.81
N GLU A 170 1.12 23.31 33.38
CA GLU A 170 2.30 23.20 34.24
C GLU A 170 3.40 24.00 33.53
N TYR A 171 3.90 25.00 34.18
CA TYR A 171 4.98 25.82 33.61
C TYR A 171 6.32 25.33 34.17
N ASN A 172 7.08 24.61 33.35
CA ASN A 172 8.37 24.08 33.82
C ASN A 172 9.44 23.97 32.74
N TYR A 173 10.60 23.61 33.23
CA TYR A 173 11.83 23.47 32.44
C TYR A 173 11.76 22.29 31.47
N ARG A 174 12.11 22.58 30.20
CA ARG A 174 12.13 21.52 29.17
C ARG A 174 13.52 20.98 28.85
N CYS A 175 13.73 19.70 28.82
CA CYS A 175 15.00 19.03 28.58
C CYS A 175 14.93 17.57 28.21
N TRP A 176 16.00 17.07 27.54
CA TRP A 176 15.95 15.66 27.06
C TRP A 176 16.61 14.75 28.07
N THR A 177 17.52 15.31 28.86
CA THR A 177 18.26 14.45 29.79
C THR A 177 18.63 15.34 30.96
N THR A 178 19.23 14.86 32.02
CA THR A 178 19.87 15.58 33.08
C THR A 178 20.94 16.54 32.60
N ASN A 179 21.66 16.18 31.53
CA ASN A 179 22.71 17.07 31.02
C ASN A 179 22.40 17.75 29.73
N ARG A 180 21.24 17.52 29.15
CA ARG A 180 20.82 18.19 27.94
C ARG A 180 19.37 18.69 28.00
N CYS A 181 19.28 19.96 27.72
CA CYS A 181 18.14 20.80 27.57
C CYS A 181 17.59 20.70 26.14
N GLN A 182 16.32 20.99 26.04
CA GLN A 182 15.66 20.87 24.75
C GLN A 182 16.05 22.18 24.08
N LYS A 183 16.40 22.21 22.82
CA LYS A 183 16.81 23.46 22.23
C LYS A 183 15.62 24.22 21.68
N MET A 184 15.65 25.54 21.88
CA MET A 184 14.60 26.43 21.38
C MET A 184 15.32 27.52 20.59
N CYS A 185 14.70 28.33 19.79
CA CYS A 185 15.31 29.42 19.07
C CYS A 185 14.82 30.79 19.49
N PRO A 186 15.60 31.84 19.28
CA PRO A 186 15.16 33.18 19.66
C PRO A 186 13.88 33.46 18.89
N SER A 187 12.89 33.98 19.59
CA SER A 187 11.62 34.38 19.03
C SER A 187 11.76 35.22 17.77
N THR A 188 12.76 36.10 17.77
CA THR A 188 13.17 36.86 16.59
C THR A 188 13.09 36.05 15.32
N CYS A 189 13.70 34.86 15.29
CA CYS A 189 13.72 33.96 14.18
C CYS A 189 12.36 33.53 13.72
N GLY A 190 11.33 33.56 14.54
CA GLY A 190 9.99 33.27 14.07
C GLY A 190 9.76 31.79 13.88
N LYS A 191 9.25 31.38 12.74
CA LYS A 191 9.06 30.02 12.33
C LYS A 191 10.31 29.47 11.64
N ARG A 192 11.50 30.06 11.80
CA ARG A 192 12.70 29.60 11.21
C ARG A 192 13.60 28.85 12.20
N ALA A 193 14.53 28.10 11.56
CA ALA A 193 15.48 27.40 12.40
C ALA A 193 16.56 28.38 12.84
N CYS A 194 17.47 27.93 13.71
CA CYS A 194 18.54 28.79 14.12
C CYS A 194 19.76 27.94 14.45
N THR A 195 20.90 28.58 14.57
CA THR A 195 22.15 27.90 14.77
C THR A 195 22.27 27.46 16.19
N GLU A 196 23.36 26.91 16.60
CA GLU A 196 23.66 26.58 17.98
C GLU A 196 23.79 27.89 18.77
N ASN A 197 24.14 29.00 18.13
CA ASN A 197 24.32 30.30 18.78
C ASN A 197 23.10 31.16 18.45
N ASN A 198 21.94 30.51 18.41
CA ASN A 198 20.70 31.23 18.18
C ASN A 198 20.78 32.21 17.04
N GLU A 199 21.28 31.77 15.90
CA GLU A 199 21.28 32.67 14.75
C GLU A 199 20.26 32.13 13.77
N CYS A 200 19.30 32.92 13.32
CA CYS A 200 18.35 32.35 12.39
C CYS A 200 18.97 31.71 11.17
N CYS A 201 18.31 30.72 10.59
CA CYS A 201 18.72 30.01 9.40
C CYS A 201 17.92 30.57 8.23
N HIS A 202 18.17 30.13 7.06
CA HIS A 202 17.46 30.53 5.85
C HIS A 202 16.06 30.04 6.03
N PRO A 203 15.07 30.58 5.39
CA PRO A 203 13.72 30.08 5.56
C PRO A 203 13.59 28.66 5.02
N GLU A 204 14.59 28.19 4.23
CA GLU A 204 14.43 26.86 3.62
C GLU A 204 15.05 25.78 4.51
N CYS A 205 15.83 26.23 5.47
CA CYS A 205 16.57 25.28 6.27
C CYS A 205 15.58 24.66 7.22
N LEU A 206 15.56 23.31 7.33
CA LEU A 206 14.61 22.70 8.25
C LEU A 206 15.39 22.09 9.35
N GLY A 207 15.01 22.21 10.60
CA GLY A 207 15.73 21.52 11.65
C GLY A 207 16.67 22.55 12.21
N SER A 208 17.69 22.86 11.39
CA SER A 208 18.78 23.67 12.01
C SER A 208 19.83 23.95 10.97
N CYS A 209 20.95 24.59 11.29
CA CYS A 209 21.94 24.94 10.28
C CYS A 209 23.31 25.26 10.81
N SER A 210 24.31 25.25 9.90
CA SER A 210 25.73 25.44 10.30
C SER A 210 26.10 26.94 10.29
N ALA A 211 25.41 27.68 9.41
CA ALA A 211 25.74 29.10 9.28
C ALA A 211 24.41 29.76 8.95
N PRO A 212 24.20 30.95 9.50
CA PRO A 212 22.86 31.51 9.48
C PRO A 212 22.56 31.91 8.08
N ASP A 213 21.36 32.33 7.80
CA ASP A 213 21.05 32.87 6.48
C ASP A 213 21.69 32.29 5.24
N ASN A 214 22.23 31.09 5.23
CA ASN A 214 22.80 30.40 4.10
C ASN A 214 21.99 29.12 3.84
N ASP A 215 21.49 29.04 2.61
CA ASP A 215 20.65 27.93 2.19
C ASP A 215 21.41 26.69 1.77
N THR A 216 22.69 26.70 1.88
CA THR A 216 23.58 25.60 1.62
C THR A 216 24.16 25.15 2.96
N ALA A 217 23.79 25.81 4.05
CA ALA A 217 24.21 25.32 5.38
C ALA A 217 23.16 24.57 6.23
N CYS A 218 21.99 24.24 5.69
CA CYS A 218 20.95 23.51 6.35
C CYS A 218 21.36 22.18 6.95
N VAL A 219 20.59 21.63 7.87
CA VAL A 219 20.88 20.26 8.36
C VAL A 219 19.83 19.41 7.68
N ALA A 220 18.77 20.05 7.21
CA ALA A 220 17.76 19.30 6.46
C ALA A 220 17.07 20.34 5.60
N CYS A 221 16.21 20.00 4.68
CA CYS A 221 15.35 20.93 3.99
C CYS A 221 13.87 20.91 4.30
N ARG A 222 13.32 22.11 4.60
CA ARG A 222 11.91 22.41 4.71
C ARG A 222 11.13 21.73 3.58
N HIS A 223 11.56 21.84 2.36
CA HIS A 223 11.00 21.33 1.15
C HIS A 223 11.88 20.24 0.52
N TYR A 224 12.43 20.54 -0.65
CA TYR A 224 13.24 19.64 -1.44
C TYR A 224 14.71 19.94 -1.46
N TYR A 225 15.51 18.91 -1.33
CA TYR A 225 16.97 19.05 -1.37
C TYR A 225 17.40 18.88 -2.80
N TYR A 226 18.38 19.63 -3.25
CA TYR A 226 18.89 19.59 -4.59
C TYR A 226 20.25 20.25 -4.85
N ALA A 227 21.20 19.38 -5.22
CA ALA A 227 22.52 19.81 -5.60
C ALA A 227 23.11 20.67 -4.50
N GLY A 228 23.12 20.11 -3.29
CA GLY A 228 23.65 20.89 -2.17
C GLY A 228 22.76 22.07 -1.75
N VAL A 229 21.52 22.19 -2.27
CA VAL A 229 20.75 23.35 -1.90
C VAL A 229 19.34 22.99 -1.43
N CYS A 230 18.90 23.52 -0.28
CA CYS A 230 17.48 23.35 0.07
C CYS A 230 16.59 24.18 -0.81
N VAL A 231 15.88 23.63 -1.74
CA VAL A 231 15.15 24.36 -2.76
C VAL A 231 13.70 24.38 -2.33
N PRO A 232 12.94 25.37 -2.76
CA PRO A 232 11.55 25.46 -2.32
C PRO A 232 10.73 24.63 -3.30
N ALA A 233 11.40 24.33 -4.44
CA ALA A 233 10.79 23.45 -5.43
C ALA A 233 11.83 22.84 -6.34
N CYS A 234 11.46 21.82 -7.11
CA CYS A 234 12.51 21.22 -7.92
C CYS A 234 12.71 22.14 -9.14
N PRO A 235 13.98 22.30 -9.51
CA PRO A 235 14.36 22.99 -10.74
C PRO A 235 13.88 22.27 -11.97
N PRO A 236 13.59 22.99 -13.06
CA PRO A 236 13.20 22.39 -14.35
C PRO A 236 14.09 21.24 -14.70
N ASN A 237 13.55 20.23 -15.36
CA ASN A 237 14.20 18.95 -15.66
C ASN A 237 14.72 18.09 -14.53
N THR A 238 14.35 18.34 -13.28
CA THR A 238 14.66 17.56 -12.12
C THR A 238 13.29 17.30 -11.44
N TYR A 239 13.07 16.19 -10.75
CA TYR A 239 11.76 15.75 -10.32
C TYR A 239 11.76 15.32 -8.85
N ARG A 240 10.61 15.55 -8.18
CA ARG A 240 10.58 15.13 -6.75
C ARG A 240 10.67 13.61 -6.60
N PHE A 241 11.42 13.18 -5.66
CA PHE A 241 11.57 11.76 -5.40
C PHE A 241 11.56 11.49 -3.89
N GLU A 242 10.68 10.59 -3.45
CA GLU A 242 10.57 10.23 -2.05
C GLU A 242 10.15 11.36 -1.11
N GLY A 243 9.38 12.34 -1.57
CA GLY A 243 9.03 13.49 -0.77
C GLY A 243 10.20 14.36 -0.38
N TRP A 244 11.46 14.27 -0.77
CA TRP A 244 12.49 15.16 -0.19
C TRP A 244 13.62 15.68 -1.06
N ARG A 245 13.69 15.32 -2.32
CA ARG A 245 14.81 15.54 -3.19
C ARG A 245 14.45 15.51 -4.67
N CYS A 246 15.32 16.24 -5.39
CA CYS A 246 15.06 16.32 -6.86
C CYS A 246 16.03 15.44 -7.63
N VAL A 247 15.55 14.71 -8.59
CA VAL A 247 16.28 13.75 -9.37
C VAL A 247 15.96 13.93 -10.82
N ASP A 248 17.03 13.84 -11.67
CA ASP A 248 16.79 14.00 -13.12
C ASP A 248 16.33 12.66 -13.71
N ARG A 249 15.74 12.64 -14.87
CA ARG A 249 15.25 11.55 -15.61
C ARG A 249 16.16 10.33 -15.81
N ASP A 250 17.48 10.47 -15.94
CA ASP A 250 18.28 9.30 -16.24
C ASP A 250 18.51 8.65 -14.89
N PHE A 251 18.63 9.40 -13.82
CA PHE A 251 18.57 8.85 -12.48
C PHE A 251 17.24 8.01 -12.30
N CYS A 252 16.08 8.62 -12.60
CA CYS A 252 14.83 7.93 -12.42
C CYS A 252 14.85 6.70 -13.34
N ALA A 253 15.35 6.87 -14.57
CA ALA A 253 15.27 5.79 -15.51
C ALA A 253 16.27 4.70 -15.12
N ASN A 254 17.19 4.84 -14.19
CA ASN A 254 18.17 3.85 -13.92
C ASN A 254 18.18 3.30 -12.52
N ILE A 255 17.01 3.36 -11.83
CA ILE A 255 16.91 3.01 -10.43
C ILE A 255 16.92 1.51 -10.14
N LEU A 256 16.21 0.75 -10.92
CA LEU A 256 16.30 -0.70 -10.71
C LEU A 256 17.49 -1.32 -11.44
N SER A 257 18.34 -0.53 -12.05
CA SER A 257 19.44 -0.87 -12.86
C SER A 257 20.33 -1.92 -12.22
N ALA A 258 20.46 -1.97 -10.91
CA ALA A 258 21.24 -3.08 -10.36
C ALA A 258 20.41 -4.35 -10.28
N GLU A 259 19.20 -4.45 -10.79
CA GLU A 259 18.33 -5.59 -10.74
C GLU A 259 17.66 -5.99 -12.06
N SER A 260 17.34 -7.26 -12.11
CA SER A 260 16.75 -7.94 -13.25
C SER A 260 15.23 -8.03 -13.15
N SER A 261 14.54 -6.89 -13.04
CA SER A 261 13.09 -6.90 -12.86
C SER A 261 12.37 -6.99 -14.19
N ASP A 262 11.48 -7.97 -14.27
CA ASP A 262 10.54 -8.27 -15.32
C ASP A 262 9.36 -7.31 -15.23
N SER A 263 9.38 -6.47 -14.18
CA SER A 263 8.30 -5.52 -13.99
C SER A 263 8.44 -4.29 -14.91
N GLU A 264 7.30 -3.60 -15.06
CA GLU A 264 7.38 -2.31 -15.71
C GLU A 264 8.11 -1.34 -14.83
N GLY A 265 8.97 -0.48 -15.37
CA GLY A 265 9.82 0.31 -14.47
C GLY A 265 9.27 1.68 -14.11
N PHE A 266 10.08 2.38 -13.29
CA PHE A 266 9.74 3.71 -12.88
C PHE A 266 9.22 4.65 -13.94
N VAL A 267 8.32 5.55 -13.50
CA VAL A 267 7.72 6.51 -14.38
C VAL A 267 7.90 7.93 -13.86
N ILE A 268 7.66 8.94 -14.75
CA ILE A 268 7.76 10.29 -14.19
C ILE A 268 6.41 10.96 -14.47
N HIS A 269 5.60 11.17 -13.44
CA HIS A 269 4.25 11.77 -13.71
C HIS A 269 4.01 12.97 -12.81
N ASP A 270 3.40 14.04 -13.36
CA ASP A 270 3.18 15.25 -12.57
C ASP A 270 4.36 15.75 -11.79
N GLY A 271 5.56 15.68 -12.35
CA GLY A 271 6.74 16.16 -11.69
C GLY A 271 7.19 15.26 -10.60
N GLU A 272 6.86 13.96 -10.68
CA GLU A 272 7.46 13.12 -9.61
C GLU A 272 7.90 11.79 -10.22
N CYS A 273 9.07 11.40 -9.75
CA CYS A 273 9.72 10.15 -10.16
C CYS A 273 9.10 9.14 -9.17
N MET A 274 8.33 8.21 -9.75
CA MET A 274 7.71 7.30 -8.74
C MET A 274 7.75 5.98 -9.43
N GLN A 275 7.77 4.88 -8.73
CA GLN A 275 7.69 3.53 -9.25
C GLN A 275 6.49 3.12 -10.04
N GLU A 276 5.36 3.79 -9.88
CA GLU A 276 4.17 3.41 -10.62
C GLU A 276 3.28 4.56 -11.04
N CYS A 277 2.51 4.48 -12.08
CA CYS A 277 1.60 5.49 -12.48
C CYS A 277 0.47 5.64 -11.41
N PRO A 278 -0.11 6.84 -11.39
CA PRO A 278 -1.17 7.20 -10.49
C PRO A 278 -2.35 6.26 -10.73
N SER A 279 -3.17 6.00 -9.73
CA SER A 279 -4.37 5.21 -9.89
C SER A 279 -5.13 5.15 -11.18
N GLY A 280 -5.51 6.24 -11.86
CA GLY A 280 -6.34 5.79 -13.04
C GLY A 280 -5.53 5.97 -14.29
N PHE A 281 -4.19 5.93 -14.18
CA PHE A 281 -3.35 6.02 -15.38
C PHE A 281 -2.63 4.71 -15.67
N ILE A 282 -2.24 4.67 -16.95
CA ILE A 282 -1.49 3.52 -17.50
C ILE A 282 -0.34 4.04 -18.29
N ARG A 283 0.82 3.37 -18.24
CA ARG A 283 1.99 3.69 -19.08
C ARG A 283 1.57 3.63 -20.54
N ASN A 284 1.92 4.67 -21.34
CA ASN A 284 1.36 4.67 -22.70
C ASN A 284 2.02 3.64 -23.63
N GLY A 285 3.16 3.04 -23.30
CA GLY A 285 3.65 1.80 -23.79
C GLY A 285 4.39 1.08 -22.65
N SER A 286 4.66 -0.20 -23.03
CA SER A 286 5.39 -0.99 -22.00
C SER A 286 6.73 -0.36 -21.71
N GLN A 287 7.08 -0.08 -20.51
CA GLN A 287 8.32 0.44 -20.05
C GLN A 287 8.52 1.83 -20.59
N SER A 288 7.50 2.53 -20.99
CA SER A 288 7.53 3.98 -21.17
C SER A 288 7.48 4.70 -19.83
N MET A 289 8.18 5.80 -19.69
CA MET A 289 8.26 6.56 -18.47
C MET A 289 7.04 7.51 -18.29
N TYR A 290 6.13 7.59 -19.19
CA TYR A 290 5.00 8.42 -19.34
C TYR A 290 3.64 7.74 -19.02
N CYS A 291 2.89 8.40 -18.13
CA CYS A 291 1.59 7.91 -17.74
C CYS A 291 0.41 8.58 -18.39
N ILE A 292 -0.53 7.83 -18.94
CA ILE A 292 -1.74 8.40 -19.53
C ILE A 292 -3.04 7.86 -18.94
N PRO A 293 -4.04 8.74 -18.83
CA PRO A 293 -5.37 8.42 -18.32
C PRO A 293 -5.99 7.22 -19.00
N CYS A 294 -6.58 6.37 -18.21
CA CYS A 294 -7.22 5.19 -18.75
C CYS A 294 -8.50 5.43 -19.52
N GLU A 295 -9.40 6.29 -19.07
CA GLU A 295 -10.72 6.41 -19.77
C GLU A 295 -11.60 5.17 -19.53
N GLY A 296 -11.83 4.87 -18.27
CA GLY A 296 -12.61 3.74 -17.80
C GLY A 296 -11.73 3.06 -16.74
N PRO A 297 -12.20 1.96 -16.17
CA PRO A 297 -11.32 1.18 -15.31
C PRO A 297 -10.14 0.78 -16.19
N CYS A 298 -8.95 0.83 -15.62
CA CYS A 298 -7.72 0.57 -16.34
C CYS A 298 -7.76 -0.91 -16.72
N PRO A 299 -7.20 -1.24 -17.89
CA PRO A 299 -7.12 -2.59 -18.34
C PRO A 299 -6.32 -3.40 -17.37
N LYS A 300 -6.71 -4.63 -17.17
CA LYS A 300 -6.11 -5.52 -16.21
C LYS A 300 -6.39 -6.99 -16.62
N VAL A 301 -5.28 -7.71 -16.84
CA VAL A 301 -5.36 -9.04 -17.36
C VAL A 301 -5.16 -9.92 -16.16
N CYS A 302 -6.14 -10.80 -15.90
CA CYS A 302 -5.89 -11.64 -14.69
C CYS A 302 -5.60 -13.03 -15.19
N GLU A 303 -4.63 -13.67 -14.60
CA GLU A 303 -4.14 -14.98 -14.97
C GLU A 303 -3.60 -15.73 -13.76
N GLU A 304 -4.16 -16.89 -13.47
CA GLU A 304 -3.75 -17.58 -12.23
C GLU A 304 -2.89 -18.80 -12.53
N GLU A 305 -2.29 -19.38 -11.49
CA GLU A 305 -1.44 -20.54 -11.54
C GLU A 305 -2.07 -21.62 -12.39
N LYS A 306 -3.27 -22.07 -12.00
CA LYS A 306 -4.04 -22.99 -12.84
C LYS A 306 -4.78 -22.32 -13.98
N LYS A 307 -5.06 -23.02 -15.05
CA LYS A 307 -5.83 -22.54 -16.18
C LYS A 307 -7.31 -22.29 -15.87
N THR A 308 -7.99 -23.25 -15.25
CA THR A 308 -9.41 -23.09 -14.98
C THR A 308 -9.70 -22.57 -13.57
N LYS A 309 -10.31 -21.38 -13.55
CA LYS A 309 -10.68 -20.76 -12.28
C LYS A 309 -12.09 -21.30 -11.98
N THR A 310 -12.19 -22.03 -10.87
CA THR A 310 -13.52 -22.55 -10.53
C THR A 310 -14.18 -21.75 -9.42
N ILE A 311 -15.17 -20.94 -9.77
CA ILE A 311 -15.87 -20.00 -8.91
C ILE A 311 -17.08 -20.72 -8.31
N ASP A 312 -16.93 -21.20 -7.08
CA ASP A 312 -17.96 -22.02 -6.46
C ASP A 312 -18.64 -21.28 -5.32
N SER A 313 -18.54 -19.96 -5.36
CA SER A 313 -18.98 -19.11 -4.26
C SER A 313 -18.75 -17.69 -4.64
N VAL A 314 -18.98 -16.79 -3.70
CA VAL A 314 -18.82 -15.35 -3.99
C VAL A 314 -17.44 -14.93 -3.53
N THR A 315 -16.97 -15.63 -2.51
CA THR A 315 -15.68 -15.40 -1.93
C THR A 315 -14.61 -15.83 -2.91
N SER A 316 -14.88 -16.95 -3.58
CA SER A 316 -13.96 -17.50 -4.55
C SER A 316 -13.73 -16.58 -5.74
N ALA A 317 -14.62 -15.67 -6.06
CA ALA A 317 -14.54 -14.80 -7.18
C ALA A 317 -13.85 -13.48 -6.87
N GLN A 318 -13.31 -13.38 -5.66
CA GLN A 318 -12.65 -12.18 -5.16
C GLN A 318 -11.56 -11.65 -6.06
N MET A 319 -10.57 -12.49 -6.37
CA MET A 319 -9.51 -12.24 -7.34
C MET A 319 -9.98 -11.74 -8.69
N LEU A 320 -11.09 -12.19 -9.24
CA LEU A 320 -11.62 -11.66 -10.49
C LEU A 320 -11.87 -10.16 -10.42
N GLN A 321 -11.97 -9.63 -9.21
CA GLN A 321 -12.29 -8.22 -9.01
C GLN A 321 -11.27 -7.31 -9.71
N GLY A 322 -11.81 -6.32 -10.45
CA GLY A 322 -10.94 -5.38 -11.14
C GLY A 322 -10.49 -5.77 -12.55
N CYS A 323 -10.53 -7.03 -12.94
CA CYS A 323 -10.09 -7.56 -14.18
C CYS A 323 -10.92 -7.22 -15.41
N THR A 324 -10.20 -6.92 -16.49
CA THR A 324 -10.91 -6.78 -17.77
C THR A 324 -10.78 -8.02 -18.65
N ILE A 325 -9.75 -8.83 -18.38
CA ILE A 325 -9.45 -9.94 -19.28
C ILE A 325 -9.08 -11.14 -18.44
N PHE A 326 -9.80 -12.25 -18.61
CA PHE A 326 -9.41 -13.38 -17.74
C PHE A 326 -8.73 -14.38 -18.68
N LYS A 327 -7.43 -14.56 -18.52
CA LYS A 327 -6.68 -15.50 -19.36
C LYS A 327 -6.75 -16.84 -18.63
N GLY A 328 -7.64 -17.66 -19.11
CA GLY A 328 -7.84 -18.97 -18.48
C GLY A 328 -9.29 -19.36 -18.76
N ASN A 329 -9.75 -20.26 -17.93
CA ASN A 329 -11.12 -20.74 -18.05
C ASN A 329 -11.91 -20.46 -16.75
N LEU A 330 -13.19 -20.14 -16.94
CA LEU A 330 -14.13 -19.95 -15.86
C LEU A 330 -15.03 -21.17 -15.79
N LEU A 331 -15.02 -21.84 -14.69
CA LEU A 331 -15.96 -22.89 -14.38
C LEU A 331 -16.88 -22.35 -13.29
N ILE A 332 -18.09 -21.95 -13.63
CA ILE A 332 -18.92 -21.34 -12.58
C ILE A 332 -19.80 -22.42 -12.03
N ASN A 333 -19.56 -22.86 -10.81
CA ASN A 333 -20.30 -23.97 -10.22
C ASN A 333 -20.88 -23.53 -8.90
N ILE A 334 -21.91 -22.68 -8.91
CA ILE A 334 -22.45 -22.13 -7.65
C ILE A 334 -23.78 -22.74 -7.22
N ARG A 335 -23.74 -23.51 -6.16
CA ARG A 335 -24.97 -24.13 -5.68
C ARG A 335 -25.73 -23.26 -4.68
N ARG A 336 -25.10 -22.95 -3.55
CA ARG A 336 -25.73 -22.18 -2.48
C ARG A 336 -26.07 -20.78 -2.98
N GLY A 337 -27.33 -20.34 -2.81
CA GLY A 337 -27.70 -19.09 -3.43
C GLY A 337 -28.60 -18.18 -2.64
N ASN A 338 -28.01 -17.50 -1.66
CA ASN A 338 -28.81 -16.55 -0.89
C ASN A 338 -29.35 -15.57 -1.94
N ASN A 339 -28.45 -14.60 -2.15
CA ASN A 339 -28.63 -13.69 -3.27
C ASN A 339 -27.24 -13.23 -3.73
N ILE A 340 -26.63 -14.08 -4.56
CA ILE A 340 -25.29 -13.86 -5.06
C ILE A 340 -25.45 -13.54 -6.54
N ALA A 341 -25.68 -12.29 -6.87
CA ALA A 341 -25.97 -11.94 -8.26
C ALA A 341 -25.67 -10.47 -8.48
N SER A 342 -25.34 -9.87 -7.36
CA SER A 342 -25.06 -8.45 -7.26
C SER A 342 -23.72 -8.43 -6.53
N GLU A 343 -23.57 -9.38 -5.62
CA GLU A 343 -22.32 -9.64 -4.94
C GLU A 343 -21.31 -10.13 -5.99
N LEU A 344 -21.69 -11.09 -6.83
CA LEU A 344 -20.90 -11.65 -7.90
C LEU A 344 -20.50 -10.57 -8.91
N GLU A 345 -21.45 -9.72 -9.23
CA GLU A 345 -21.26 -8.67 -10.20
C GLU A 345 -20.28 -7.56 -9.80
N ASN A 346 -19.99 -7.42 -8.52
CA ASN A 346 -19.01 -6.52 -7.96
C ASN A 346 -17.64 -7.18 -7.98
N PHE A 347 -17.52 -8.23 -8.80
CA PHE A 347 -16.34 -9.09 -8.73
C PHE A 347 -16.07 -9.54 -10.16
N MET A 348 -17.07 -9.60 -11.03
CA MET A 348 -16.97 -10.28 -12.30
C MET A 348 -17.59 -9.39 -13.35
N GLY A 349 -18.18 -8.29 -12.86
CA GLY A 349 -18.94 -7.44 -13.79
C GLY A 349 -18.08 -6.68 -14.76
N LEU A 350 -16.76 -6.63 -14.48
CA LEU A 350 -15.86 -5.87 -15.33
C LEU A 350 -15.16 -6.63 -16.45
N ILE A 351 -15.21 -7.98 -16.32
CA ILE A 351 -14.61 -8.86 -17.29
C ILE A 351 -15.20 -8.68 -18.66
N GLU A 352 -14.48 -8.19 -19.66
CA GLU A 352 -14.98 -8.11 -21.01
C GLU A 352 -14.67 -9.36 -21.87
N VAL A 353 -13.59 -10.04 -21.55
CA VAL A 353 -13.13 -11.14 -22.38
C VAL A 353 -12.53 -12.29 -21.55
N VAL A 354 -13.00 -13.46 -21.94
CA VAL A 354 -12.41 -14.72 -21.41
C VAL A 354 -11.64 -15.42 -22.53
N THR A 355 -10.35 -15.65 -22.33
CA THR A 355 -9.53 -16.24 -23.40
C THR A 355 -9.85 -17.72 -23.65
N GLY A 356 -10.16 -18.45 -22.59
CA GLY A 356 -10.54 -19.86 -22.73
C GLY A 356 -11.99 -20.11 -23.02
N TYR A 357 -12.59 -21.01 -22.29
CA TYR A 357 -14.03 -21.31 -22.39
C TYR A 357 -14.73 -20.92 -21.09
N VAL A 358 -16.07 -20.95 -21.12
CA VAL A 358 -16.90 -20.67 -19.95
C VAL A 358 -17.80 -21.88 -19.71
N LYS A 359 -17.65 -22.48 -18.55
CA LYS A 359 -18.47 -23.61 -18.18
C LYS A 359 -19.36 -23.32 -16.94
N ILE A 360 -20.67 -23.43 -17.17
CA ILE A 360 -21.67 -23.21 -16.10
C ILE A 360 -22.29 -24.56 -15.72
N ARG A 361 -21.98 -25.02 -14.52
CA ARG A 361 -22.44 -26.40 -14.21
C ARG A 361 -22.81 -26.51 -12.76
N HIS A 362 -23.96 -27.09 -12.45
CA HIS A 362 -24.45 -27.18 -11.07
C HIS A 362 -24.75 -25.87 -10.31
N SER A 363 -25.02 -24.81 -11.09
CA SER A 363 -25.12 -23.48 -10.51
C SER A 363 -26.56 -23.14 -10.17
N HIS A 364 -27.07 -23.84 -9.13
CA HIS A 364 -28.49 -23.77 -8.78
C HIS A 364 -28.91 -22.45 -8.19
N ALA A 365 -28.01 -21.81 -7.48
CA ALA A 365 -28.09 -20.45 -7.04
C ALA A 365 -28.34 -19.41 -8.11
N LEU A 366 -28.35 -19.69 -9.42
CA LEU A 366 -28.32 -18.63 -10.38
C LEU A 366 -29.56 -18.59 -11.25
N VAL A 367 -30.00 -17.39 -11.67
CA VAL A 367 -31.22 -17.35 -12.50
C VAL A 367 -30.89 -16.78 -13.85
N SER A 368 -29.74 -16.10 -13.87
CA SER A 368 -29.23 -15.45 -15.11
C SER A 368 -27.70 -15.36 -15.07
N LEU A 369 -27.08 -15.07 -16.21
CA LEU A 369 -25.62 -14.97 -16.23
C LEU A 369 -25.25 -13.49 -16.43
N SER A 370 -26.28 -12.67 -16.11
CA SER A 370 -26.23 -11.22 -16.22
C SER A 370 -25.26 -10.51 -15.29
N PHE A 371 -24.77 -11.05 -14.21
CA PHE A 371 -23.64 -10.56 -13.44
C PHE A 371 -22.34 -10.49 -14.25
N LEU A 372 -22.20 -11.17 -15.39
CA LEU A 372 -21.14 -11.01 -16.35
C LEU A 372 -21.64 -9.88 -17.23
N LYS A 373 -21.66 -8.74 -16.57
CA LYS A 373 -22.11 -7.46 -17.08
C LYS A 373 -21.25 -6.89 -18.20
N ASN A 374 -19.93 -7.06 -18.13
CA ASN A 374 -19.10 -6.55 -19.24
C ASN A 374 -18.62 -7.54 -20.28
N LEU A 375 -18.90 -8.84 -20.03
CA LEU A 375 -18.43 -9.83 -20.98
C LEU A 375 -18.87 -9.57 -22.40
N ARG A 376 -17.95 -9.20 -23.28
CA ARG A 376 -18.24 -8.96 -24.69
C ARG A 376 -17.73 -10.11 -25.54
N LEU A 377 -16.62 -10.73 -25.18
CA LEU A 377 -16.17 -11.89 -25.96
C LEU A 377 -15.47 -13.05 -25.31
N ILE A 378 -15.82 -14.25 -25.84
CA ILE A 378 -15.22 -15.52 -25.40
C ILE A 378 -14.36 -16.02 -26.57
N LEU A 379 -13.06 -16.23 -26.37
CA LEU A 379 -12.10 -16.41 -27.47
C LEU A 379 -12.03 -17.84 -27.89
N GLY A 380 -12.25 -18.75 -26.94
CA GLY A 380 -12.23 -20.17 -27.30
C GLY A 380 -10.84 -20.68 -27.67
N GLU A 381 -9.77 -20.13 -27.08
CA GLU A 381 -8.40 -20.55 -27.32
C GLU A 381 -8.18 -21.92 -26.70
N GLU A 382 -8.96 -22.24 -25.66
CA GLU A 382 -8.94 -23.59 -25.10
C GLU A 382 -10.38 -24.03 -24.87
N GLN A 383 -10.73 -25.28 -25.24
CA GLN A 383 -12.09 -25.75 -25.30
C GLN A 383 -12.23 -27.11 -24.64
N LEU A 384 -13.47 -27.46 -24.25
CA LEU A 384 -13.70 -28.77 -23.65
C LEU A 384 -13.74 -29.81 -24.76
N GLU A 385 -13.36 -31.02 -24.41
CA GLU A 385 -13.51 -32.18 -25.28
C GLU A 385 -14.84 -32.14 -26.03
N GLY A 386 -14.73 -31.97 -27.32
CA GLY A 386 -15.91 -31.86 -28.17
C GLY A 386 -15.86 -30.57 -28.98
N ASN A 387 -14.96 -29.68 -28.54
CA ASN A 387 -14.83 -28.36 -29.15
C ASN A 387 -15.85 -27.35 -28.61
N TYR A 388 -15.96 -27.29 -27.28
CA TYR A 388 -16.92 -26.41 -26.65
C TYR A 388 -16.31 -25.19 -26.00
N SER A 389 -16.86 -24.04 -26.40
CA SER A 389 -16.42 -22.78 -25.77
C SER A 389 -17.38 -22.44 -24.62
N PHE A 390 -18.65 -22.78 -24.74
CA PHE A 390 -19.69 -22.38 -23.81
C PHE A 390 -20.55 -23.59 -23.42
N TYR A 391 -20.49 -23.99 -22.18
CA TYR A 391 -20.97 -25.29 -21.73
C TYR A 391 -21.76 -25.14 -20.41
N VAL A 392 -23.05 -25.46 -20.58
CA VAL A 392 -24.01 -25.18 -19.47
C VAL A 392 -24.80 -26.40 -19.11
N LEU A 393 -24.56 -27.07 -18.04
CA LEU A 393 -25.24 -28.30 -17.67
C LEU A 393 -25.67 -28.41 -16.22
N ASP A 394 -26.85 -29.03 -16.03
CA ASP A 394 -27.38 -29.23 -14.67
C ASP A 394 -27.48 -27.94 -13.85
N ASN A 395 -28.33 -27.06 -14.31
CA ASN A 395 -28.64 -25.77 -13.68
C ASN A 395 -30.13 -25.59 -13.36
N GLN A 396 -30.46 -25.93 -12.12
CA GLN A 396 -31.87 -25.98 -11.69
C GLN A 396 -32.70 -24.72 -11.88
N ASN A 397 -32.21 -23.56 -11.61
CA ASN A 397 -33.00 -22.32 -11.67
C ASN A 397 -32.74 -21.41 -12.85
N LEU A 398 -31.73 -21.62 -13.68
CA LEU A 398 -31.33 -20.70 -14.72
C LEU A 398 -32.47 -20.45 -15.67
N GLN A 399 -32.87 -19.17 -15.69
CA GLN A 399 -34.02 -18.71 -16.49
C GLN A 399 -33.59 -17.94 -17.72
N GLN A 400 -32.43 -17.30 -17.54
CA GLN A 400 -31.87 -16.60 -18.70
C GLN A 400 -30.35 -16.67 -18.70
N LEU A 401 -29.81 -16.31 -19.85
CA LEU A 401 -28.39 -16.09 -20.02
C LEU A 401 -28.00 -14.65 -19.75
N TRP A 402 -27.93 -13.89 -20.81
CA TRP A 402 -27.81 -12.45 -20.87
C TRP A 402 -29.10 -11.92 -21.52
N ASP A 403 -29.40 -10.63 -21.35
CA ASP A 403 -30.46 -9.99 -22.13
C ASP A 403 -30.12 -9.82 -23.59
N TRP A 404 -30.56 -10.70 -24.47
CA TRP A 404 -30.35 -10.59 -25.90
C TRP A 404 -30.95 -9.42 -26.64
N ASP A 405 -31.00 -8.25 -26.04
CA ASP A 405 -31.62 -7.06 -26.60
C ASP A 405 -30.79 -5.90 -26.07
N HIS A 406 -30.47 -5.94 -24.79
CA HIS A 406 -29.65 -4.96 -24.14
C HIS A 406 -28.18 -5.33 -24.22
N ARG A 407 -27.79 -6.48 -24.80
CA ARG A 407 -26.43 -6.97 -24.68
C ARG A 407 -25.87 -7.73 -25.86
N ASN A 408 -24.55 -7.67 -26.04
CA ASN A 408 -23.89 -8.37 -27.14
C ASN A 408 -22.63 -9.13 -26.73
N LEU A 409 -22.47 -10.33 -27.23
CA LEU A 409 -21.42 -11.25 -26.86
C LEU A 409 -21.04 -12.09 -28.07
N THR A 410 -19.77 -12.49 -28.16
CA THR A 410 -19.19 -13.18 -29.31
C THR A 410 -18.22 -14.29 -28.90
N ILE A 411 -18.37 -15.38 -29.63
CA ILE A 411 -17.57 -16.58 -29.36
C ILE A 411 -16.71 -16.76 -30.60
N LYS A 412 -15.47 -16.31 -30.52
CA LYS A 412 -14.54 -16.33 -31.65
C LYS A 412 -14.39 -17.73 -32.25
N ALA A 413 -14.22 -18.72 -31.37
CA ALA A 413 -14.05 -20.08 -31.82
C ALA A 413 -14.73 -21.07 -30.87
N GLY A 414 -15.08 -22.23 -31.34
CA GLY A 414 -15.69 -23.26 -30.54
C GLY A 414 -17.21 -23.26 -30.71
N LYS A 415 -17.89 -24.16 -30.02
CA LYS A 415 -19.36 -24.20 -30.03
C LYS A 415 -19.93 -24.39 -28.64
N MET A 416 -21.27 -24.46 -28.57
CA MET A 416 -21.93 -24.63 -27.27
C MET A 416 -22.67 -25.94 -27.08
N TYR A 417 -22.82 -26.30 -25.82
CA TYR A 417 -23.68 -27.40 -25.41
C TYR A 417 -24.62 -27.00 -24.27
N PHE A 418 -25.91 -27.34 -24.41
CA PHE A 418 -26.86 -27.08 -23.33
C PHE A 418 -27.52 -28.35 -22.83
N ALA A 419 -27.53 -28.60 -21.52
CA ALA A 419 -28.29 -29.70 -21.00
C ALA A 419 -28.66 -29.55 -19.53
N PHE A 420 -29.94 -29.96 -19.22
CA PHE A 420 -30.41 -30.13 -17.86
C PHE A 420 -30.61 -28.81 -17.14
N ASN A 421 -31.15 -27.86 -17.84
CA ASN A 421 -31.61 -26.55 -17.44
C ASN A 421 -33.14 -26.50 -17.65
N PRO A 422 -33.91 -27.02 -16.67
CA PRO A 422 -35.35 -27.07 -16.81
C PRO A 422 -36.06 -25.74 -16.92
N LYS A 423 -35.53 -24.66 -16.36
CA LYS A 423 -36.20 -23.35 -16.40
C LYS A 423 -35.72 -22.44 -17.52
N LEU A 424 -35.04 -23.04 -18.51
CA LEU A 424 -34.33 -22.20 -19.46
C LEU A 424 -34.90 -22.49 -20.82
N CYS A 425 -35.85 -21.71 -21.25
CA CYS A 425 -36.49 -21.91 -22.55
C CYS A 425 -35.44 -21.98 -23.62
N VAL A 426 -35.55 -22.90 -24.58
CA VAL A 426 -34.55 -23.10 -25.60
C VAL A 426 -34.44 -21.82 -26.42
N SER A 427 -35.49 -21.04 -26.45
CA SER A 427 -35.53 -19.78 -27.17
C SER A 427 -34.35 -18.85 -26.89
N GLU A 428 -34.05 -18.74 -25.61
CA GLU A 428 -32.89 -17.93 -25.24
C GLU A 428 -31.64 -18.53 -25.86
N ILE A 429 -31.50 -19.86 -25.66
CA ILE A 429 -30.42 -20.63 -26.20
C ILE A 429 -30.34 -20.41 -27.70
N TYR A 430 -31.49 -20.39 -28.34
CA TYR A 430 -31.53 -20.14 -29.79
C TYR A 430 -31.19 -18.72 -30.19
N ARG A 431 -31.38 -17.77 -29.29
CA ARG A 431 -31.11 -16.37 -29.56
C ARG A 431 -29.61 -16.16 -29.40
N MET A 432 -29.14 -16.63 -28.23
CA MET A 432 -27.71 -16.56 -27.97
C MET A 432 -26.92 -17.04 -29.18
N GLU A 433 -27.23 -18.20 -29.72
CA GLU A 433 -26.67 -18.66 -30.98
C GLU A 433 -26.54 -17.59 -32.06
N GLU A 434 -27.61 -16.87 -32.38
CA GLU A 434 -27.54 -15.84 -33.41
C GLU A 434 -26.55 -14.78 -32.96
N VAL A 435 -26.74 -14.17 -31.81
CA VAL A 435 -25.87 -13.15 -31.29
C VAL A 435 -24.40 -13.50 -31.32
N THR A 436 -23.92 -14.57 -30.72
CA THR A 436 -22.53 -14.93 -30.55
C THR A 436 -21.91 -15.37 -31.86
N GLY A 437 -22.64 -15.52 -32.96
CA GLY A 437 -22.12 -16.01 -34.19
C GLY A 437 -21.72 -17.48 -34.09
N THR A 438 -22.19 -18.25 -33.11
CA THR A 438 -21.89 -19.67 -33.03
C THR A 438 -22.97 -20.47 -33.76
N LYS A 439 -23.85 -19.76 -34.43
CA LYS A 439 -24.92 -20.37 -35.21
C LYS A 439 -24.41 -21.17 -36.40
N GLY A 440 -24.54 -22.50 -36.33
CA GLY A 440 -24.18 -23.30 -37.52
C GLY A 440 -22.98 -24.17 -37.20
N ARG A 441 -22.38 -24.02 -36.04
CA ARG A 441 -21.25 -24.86 -35.66
C ARG A 441 -21.70 -25.93 -34.67
N GLN A 442 -22.99 -26.07 -34.50
CA GLN A 442 -23.55 -26.90 -33.46
C GLN A 442 -24.01 -28.24 -33.98
N SER A 443 -23.65 -29.28 -33.20
CA SER A 443 -24.20 -30.60 -33.51
C SER A 443 -25.65 -30.46 -33.09
N LYS A 444 -26.42 -31.54 -32.90
CA LYS A 444 -27.78 -31.35 -32.44
C LYS A 444 -28.23 -31.98 -31.14
N GLY A 445 -27.30 -32.69 -30.51
CA GLY A 445 -27.53 -33.09 -29.14
C GLY A 445 -27.13 -31.90 -28.27
N ASP A 446 -26.55 -30.89 -28.92
CA ASP A 446 -26.07 -29.66 -28.29
C ASP A 446 -27.16 -28.85 -27.59
N ILE A 447 -28.18 -28.55 -28.39
CA ILE A 447 -29.34 -27.86 -27.87
C ILE A 447 -30.55 -28.77 -27.89
N ASN A 448 -30.69 -29.63 -26.91
CA ASN A 448 -31.85 -30.51 -26.90
C ASN A 448 -33.04 -29.86 -26.21
N THR A 449 -34.21 -30.35 -26.69
CA THR A 449 -35.48 -29.80 -26.25
C THR A 449 -36.17 -30.76 -25.31
N ARG A 450 -35.44 -31.77 -24.91
CA ARG A 450 -36.01 -32.75 -23.99
C ARG A 450 -35.61 -32.49 -22.55
N ASN A 451 -34.43 -31.91 -22.24
CA ASN A 451 -34.15 -31.57 -20.86
C ASN A 451 -33.72 -30.12 -20.64
N ASN A 452 -33.79 -29.29 -21.65
CA ASN A 452 -33.62 -27.86 -21.57
C ASN A 452 -34.95 -27.08 -21.70
N GLY A 453 -35.40 -26.43 -20.63
CA GLY A 453 -36.70 -25.79 -20.71
C GLY A 453 -37.95 -26.63 -20.49
N GLU A 454 -37.84 -27.95 -20.35
CA GLU A 454 -38.87 -28.92 -20.07
C GLU A 454 -39.84 -28.37 -19.02
N ARG A 455 -39.38 -27.67 -17.98
CA ARG A 455 -40.35 -27.19 -17.00
C ARG A 455 -40.45 -25.67 -16.86
N ALA A 456 -40.62 -24.96 -17.95
CA ALA A 456 -40.74 -23.51 -17.93
C ALA A 456 -41.66 -23.10 -19.08
N SER A 457 -42.60 -22.21 -18.80
CA SER A 457 -43.51 -21.77 -19.84
C SER A 457 -42.77 -21.05 -20.96
N CYS A 458 -42.89 -21.62 -22.16
CA CYS A 458 -42.13 -21.15 -23.30
C CYS A 458 -42.96 -20.32 -24.24
N GLU A 459 -43.22 -20.84 -25.43
CA GLU A 459 -43.96 -20.17 -26.47
C GLU A 459 -43.26 -18.88 -26.91
N LYS A 467 -36.21 -37.69 -28.19
CA LYS A 467 -35.41 -36.44 -28.39
C LYS A 467 -36.31 -35.22 -28.47
N GLU A 468 -37.39 -35.20 -27.69
CA GLU A 468 -38.31 -34.06 -27.65
C GLU A 468 -39.34 -34.22 -26.54
N GLN A 469 -39.95 -35.40 -26.39
CA GLN A 469 -40.99 -35.61 -25.39
C GLN A 469 -40.51 -36.42 -24.22
N LYS A 470 -39.25 -36.84 -24.23
CA LYS A 470 -38.60 -37.64 -23.19
C LYS A 470 -37.78 -36.82 -22.22
N LEU A 471 -37.43 -37.36 -21.05
CA LEU A 471 -36.78 -36.57 -20.04
C LEU A 471 -35.25 -36.62 -20.15
N ILE A 472 -34.80 -37.83 -20.51
CA ILE A 472 -33.39 -38.10 -20.69
C ILE A 472 -33.30 -39.15 -21.78
N SER A 473 -32.18 -39.28 -22.47
CA SER A 473 -32.10 -40.25 -23.56
C SER A 473 -30.66 -40.64 -23.89
N GLU A 474 -30.51 -41.55 -24.85
CA GLU A 474 -29.18 -42.05 -25.22
C GLU A 474 -28.30 -40.93 -25.80
N GLU A 475 -28.94 -40.06 -26.55
CA GLU A 475 -28.47 -38.75 -26.94
C GLU A 475 -27.82 -37.96 -25.82
N ASP A 476 -28.16 -38.00 -24.56
CA ASP A 476 -27.48 -37.45 -23.45
C ASP A 476 -26.36 -38.32 -22.85
N LEU A 477 -26.26 -39.57 -23.29
CA LEU A 477 -25.19 -40.38 -22.73
C LEU A 477 -23.96 -40.15 -23.60
N ASN A 478 -24.14 -39.45 -24.70
CA ASN A 478 -23.12 -39.06 -25.63
C ASN A 478 -22.43 -37.78 -25.17
#